data_6XOD
#
_entry.id   6XOD
#
_cell.length_a   57.389
_cell.length_b   100.484
_cell.length_c   112.092
_cell.angle_alpha   90.000
_cell.angle_beta   90.000
_cell.angle_gamma   90.000
#
_symmetry.space_group_name_H-M   'C 2 2 21'
#
loop_
_entity.id
_entity.type
_entity.pdbx_description
1 polymer 'Protein PEROXIN-4'
2 polymer 'Peroxisome biogenesis protein 22'
3 water water
#
loop_
_entity_poly.entity_id
_entity_poly.type
_entity_poly.pdbx_seq_one_letter_code
_entity_poly.pdbx_strand_id
1 'polypeptide(L)'
;SMQASRARLFKEYKEVQREKVADPDIQLICDDTNIFKWTALIKGPSETPYEGGVFQLAFSVPEPYPLQPPQVRFLTKIFH
PNVHFKTGEICLDILKNAWSPAWTLQSVCRAIIALMAHPEPDSPLNCDSGNLLRSGDVRGFNSMAQMYTRLAAMPKKGLE
VLFQ
;
A
2 'polypeptide(L)'
;GPAVQDVVDQFFQPVKPTLGQIVRQKLSEGRKVTCRLLGVILEETSPEELQKQATVRSSVLEVLLEITKYSDLYLMERVL
DDESEAKVLQALENAGVFTSGGLVKDKVLFCSTEIGRTSFVRQLEPDWHIDTNPEISTQLARFIKYQLHVATVKPERTAP
NVFTSQSIEQFFGSV
;
B
#
# COMPACT_ATOMS: atom_id res chain seq x y z
N MET A 2 21.95 -28.06 23.87
CA MET A 2 21.77 -28.42 22.44
C MET A 2 20.72 -29.51 22.28
N GLN A 3 20.80 -30.54 23.13
CA GLN A 3 19.84 -31.62 23.08
C GLN A 3 18.51 -31.25 23.72
N ALA A 4 18.50 -30.26 24.62
CA ALA A 4 17.24 -29.78 25.17
C ALA A 4 16.43 -29.03 24.11
N SER A 5 17.10 -28.26 23.26
CA SER A 5 16.41 -27.59 22.17
C SER A 5 15.78 -28.60 21.21
N ARG A 6 16.52 -29.67 20.90
CA ARG A 6 15.99 -30.69 19.98
C ARG A 6 14.78 -31.40 20.58
N ALA A 7 14.82 -31.66 21.89
CA ALA A 7 13.66 -32.28 22.54
C ALA A 7 12.44 -31.36 22.47
N ARG A 8 12.64 -30.07 22.76
CA ARG A 8 11.54 -29.12 22.70
C ARG A 8 11.00 -29.00 21.28
N LEU A 9 11.89 -28.81 20.30
CA LEU A 9 11.46 -28.69 18.91
C LEU A 9 10.80 -29.98 18.43
N PHE A 10 11.06 -31.11 19.07
CA PHE A 10 10.37 -32.34 18.71
C PHE A 10 8.93 -32.35 19.21
N LYS A 11 8.70 -31.84 20.42
CA LYS A 11 7.32 -31.71 20.90
C LYS A 11 6.51 -30.80 19.98
N GLU A 12 7.14 -29.75 19.45
CA GLU A 12 6.42 -28.80 18.60
C GLU A 12 6.22 -29.36 17.20
N TYR A 13 7.23 -30.07 16.66
CA TYR A 13 7.04 -30.77 15.40
C TYR A 13 5.99 -31.85 15.53
N LYS A 14 5.98 -32.56 16.66
CA LYS A 14 4.93 -33.54 16.91
C LYS A 14 3.55 -32.90 16.88
N GLU A 15 3.39 -31.77 17.58
CA GLU A 15 2.07 -31.18 17.74
C GLU A 15 1.55 -30.57 16.43
N VAL A 16 2.43 -30.06 15.58
CA VAL A 16 1.98 -29.52 14.30
C VAL A 16 1.68 -30.63 13.30
N GLN A 17 2.17 -31.85 13.53
CA GLN A 17 1.81 -32.99 12.70
C GLN A 17 0.58 -33.71 13.21
N ARG A 18 0.43 -33.82 14.53
CA ARG A 18 -0.71 -34.52 15.14
C ARG A 18 -1.91 -33.59 15.27
N GLU A 19 -2.31 -32.98 14.17
CA GLU A 19 -3.47 -32.10 14.17
C GLU A 19 -3.97 -31.93 12.75
N LYS A 20 -5.28 -32.07 12.56
CA LYS A 20 -5.96 -31.79 11.32
C LYS A 20 -7.13 -30.86 11.58
N VAL A 21 -6.92 -29.85 12.42
CA VAL A 21 -8.02 -29.03 12.91
C VAL A 21 -8.52 -28.11 11.82
N ALA A 22 -9.84 -28.00 11.70
CA ALA A 22 -10.43 -27.04 10.79
C ALA A 22 -9.96 -25.64 11.15
N ASP A 23 -9.97 -24.76 10.15
CA ASP A 23 -9.46 -23.40 10.31
C ASP A 23 -7.98 -23.45 10.65
N PRO A 24 -7.14 -24.06 9.82
CA PRO A 24 -5.69 -23.97 10.05
C PRO A 24 -5.17 -22.58 9.75
N ASP A 25 -5.59 -21.60 10.55
CA ASP A 25 -5.08 -20.24 10.38
C ASP A 25 -3.56 -20.20 10.44
N ILE A 26 -2.93 -21.21 11.03
CA ILE A 26 -1.48 -21.29 11.16
C ILE A 26 -1.03 -22.63 10.61
N GLN A 27 0.04 -22.61 9.82
CA GLN A 27 0.66 -23.85 9.32
C GLN A 27 2.16 -23.69 9.48
N LEU A 28 2.71 -24.34 10.51
CA LEU A 28 4.14 -24.35 10.73
C LEU A 28 4.77 -25.48 9.91
N ILE A 29 5.79 -25.15 9.13
CA ILE A 29 6.48 -26.11 8.28
C ILE A 29 7.91 -26.19 8.78
N CYS A 30 8.20 -27.22 9.58
CA CYS A 30 9.59 -27.49 9.92
C CYS A 30 10.35 -27.83 8.64
N ASP A 31 11.65 -27.58 8.67
CA ASP A 31 12.45 -27.63 7.46
C ASP A 31 13.04 -29.02 7.24
N ASP A 32 13.38 -29.30 5.99
CA ASP A 32 13.84 -30.63 5.60
C ASP A 32 15.07 -31.05 6.40
N THR A 33 16.13 -30.24 6.36
CA THR A 33 17.43 -30.63 6.88
C THR A 33 17.92 -29.83 8.08
N ASN A 34 17.33 -28.68 8.37
CA ASN A 34 17.74 -27.86 9.52
C ASN A 34 16.58 -27.77 10.49
N ILE A 35 16.70 -28.45 11.64
CA ILE A 35 15.67 -28.42 12.67
C ILE A 35 15.46 -27.02 13.21
N PHE A 36 16.45 -26.14 13.07
CA PHE A 36 16.39 -24.79 13.62
C PHE A 36 15.92 -23.75 12.61
N LYS A 37 15.43 -24.18 11.44
CA LYS A 37 14.86 -23.29 10.45
C LYS A 37 13.42 -23.71 10.20
N TRP A 38 12.48 -22.80 10.44
CA TRP A 38 11.06 -23.05 10.22
C TRP A 38 10.47 -21.95 9.37
N THR A 39 9.40 -22.28 8.66
CA THR A 39 8.58 -21.31 7.96
C THR A 39 7.13 -21.54 8.35
N ALA A 40 6.36 -20.46 8.40
CA ALA A 40 4.96 -20.52 8.78
C ALA A 40 4.12 -19.82 7.72
N LEU A 41 2.93 -20.37 7.48
CA LEU A 41 1.89 -19.73 6.68
C LEU A 41 0.77 -19.35 7.64
N ILE A 42 0.41 -18.06 7.66
CA ILE A 42 -0.66 -17.57 8.51
C ILE A 42 -1.70 -16.89 7.64
N LYS A 43 -2.96 -17.16 7.93
CA LYS A 43 -4.07 -16.50 7.24
C LYS A 43 -4.32 -15.14 7.88
N GLY A 44 -4.53 -14.13 7.03
CA GLY A 44 -4.91 -12.83 7.53
C GLY A 44 -6.17 -12.93 8.35
N PRO A 45 -6.20 -12.27 9.51
CA PRO A 45 -7.38 -12.39 10.38
C PRO A 45 -8.63 -11.81 9.74
N SER A 46 -9.73 -12.53 9.87
CA SER A 46 -11.01 -12.08 9.33
C SER A 46 -11.38 -10.72 9.95
N GLU A 47 -12.19 -9.96 9.20
CA GLU A 47 -12.64 -8.65 9.63
C GLU A 47 -11.47 -7.68 9.82
N THR A 48 -10.45 -7.84 9.00
CA THR A 48 -9.30 -6.93 8.95
C THR A 48 -8.93 -6.75 7.50
N PRO A 49 -8.20 -5.68 7.16
CA PRO A 49 -7.77 -5.50 5.77
C PRO A 49 -6.91 -6.62 5.23
N TYR A 50 -6.39 -7.50 6.10
CA TYR A 50 -5.54 -8.60 5.67
C TYR A 50 -6.31 -9.87 5.37
N GLU A 51 -7.64 -9.87 5.56
CA GLU A 51 -8.43 -11.06 5.29
C GLU A 51 -8.25 -11.51 3.84
N GLY A 52 -8.22 -12.82 3.64
CA GLY A 52 -8.03 -13.39 2.32
C GLY A 52 -6.58 -13.55 1.90
N GLY A 53 -5.65 -12.90 2.60
CA GLY A 53 -4.25 -13.05 2.28
C GLY A 53 -3.58 -14.18 3.05
N VAL A 54 -2.45 -14.63 2.52
CA VAL A 54 -1.61 -15.62 3.18
C VAL A 54 -0.21 -15.04 3.28
N PHE A 55 0.32 -15.00 4.50
CA PHE A 55 1.59 -14.34 4.79
C PHE A 55 2.60 -15.37 5.25
N GLN A 56 3.81 -15.31 4.70
CA GLN A 56 4.88 -16.24 5.01
C GLN A 56 5.78 -15.63 6.08
N LEU A 57 6.06 -16.40 7.12
CA LEU A 57 6.96 -16.00 8.19
C LEU A 57 8.18 -16.92 8.20
N ALA A 58 9.35 -16.32 8.39
CA ALA A 58 10.60 -17.07 8.50
C ALA A 58 11.05 -17.07 9.95
N PHE A 59 11.29 -18.27 10.49
CA PHE A 59 11.77 -18.46 11.85
C PHE A 59 13.23 -18.91 11.81
N SER A 60 14.07 -18.25 12.60
CA SER A 60 15.45 -18.66 12.80
C SER A 60 15.61 -18.96 14.28
N VAL A 61 15.66 -20.23 14.64
CA VAL A 61 15.62 -20.67 16.03
C VAL A 61 17.05 -20.72 16.58
N PRO A 62 17.34 -20.03 17.68
CA PRO A 62 18.67 -20.16 18.29
C PRO A 62 18.78 -21.45 19.10
N GLU A 63 20.01 -21.89 19.26
CA GLU A 63 20.26 -23.21 19.84
C GLU A 63 19.84 -23.28 21.31
N PRO A 64 19.90 -22.19 22.07
CA PRO A 64 19.35 -22.21 23.43
C PRO A 64 17.83 -22.22 23.49
N TYR A 65 17.13 -22.16 22.37
CA TYR A 65 15.67 -22.23 22.37
C TYR A 65 15.23 -23.44 23.19
N PRO A 66 14.12 -23.35 23.95
CA PRO A 66 13.14 -22.27 24.12
C PRO A 66 13.56 -21.21 25.15
N LEU A 67 14.78 -21.30 25.65
CA LEU A 67 15.25 -20.32 26.61
C LEU A 67 15.55 -18.98 25.94
N GLN A 68 15.69 -18.96 24.62
CA GLN A 68 15.93 -17.74 23.85
C GLN A 68 14.88 -17.63 22.75
N PRO A 69 14.38 -16.42 22.48
CA PRO A 69 13.31 -16.29 21.49
C PRO A 69 13.81 -16.62 20.09
N PRO A 70 12.92 -17.05 19.20
CA PRO A 70 13.30 -17.18 17.79
C PRO A 70 13.29 -15.82 17.09
N GLN A 71 14.06 -15.75 16.01
CA GLN A 71 14.07 -14.59 15.14
C GLN A 71 12.99 -14.80 14.07
N VAL A 72 12.03 -13.88 14.04
CA VAL A 72 10.86 -14.01 13.16
C VAL A 72 10.73 -12.73 12.34
N ARG A 73 10.40 -12.90 11.06
CA ARG A 73 10.18 -11.76 10.18
C ARG A 73 9.24 -12.17 9.06
N PHE A 74 8.52 -11.18 8.52
CA PHE A 74 7.68 -11.40 7.36
C PHE A 74 8.54 -11.50 6.10
N LEU A 75 8.31 -12.55 5.31
CA LEU A 75 8.83 -12.59 3.96
C LEU A 75 7.84 -12.01 2.96
N THR A 76 6.55 -12.13 3.25
CA THR A 76 5.52 -11.44 2.47
C THR A 76 5.49 -9.97 2.86
N LYS A 77 5.42 -9.09 1.86
CA LYS A 77 5.27 -7.67 2.15
C LYS A 77 3.95 -7.43 2.86
N ILE A 78 3.96 -6.52 3.82
CA ILE A 78 2.77 -6.23 4.61
C ILE A 78 2.83 -4.77 5.06
N PHE A 79 1.70 -4.10 4.95
CA PHE A 79 1.55 -2.70 5.36
C PHE A 79 0.95 -2.71 6.75
N HIS A 80 1.79 -2.45 7.76
CA HIS A 80 1.38 -2.56 9.16
C HIS A 80 2.25 -1.62 9.99
N PRO A 81 1.69 -0.94 10.99
CA PRO A 81 2.51 -0.01 11.79
C PRO A 81 3.70 -0.68 12.47
N ASN A 82 3.59 -1.95 12.83
CA ASN A 82 4.60 -2.65 13.60
C ASN A 82 5.44 -3.59 12.75
N VAL A 83 5.47 -3.41 11.44
CA VAL A 83 6.30 -4.21 10.55
C VAL A 83 7.06 -3.26 9.62
N HIS A 84 8.38 -3.41 9.58
CA HIS A 84 9.20 -2.61 8.67
C HIS A 84 8.95 -3.09 7.24
N PHE A 85 8.43 -2.19 6.40
CA PHE A 85 7.96 -2.61 5.08
C PHE A 85 9.11 -3.18 4.24
N LYS A 86 10.30 -2.58 4.34
CA LYS A 86 11.38 -2.96 3.45
C LYS A 86 12.10 -4.23 3.91
N THR A 87 12.06 -4.53 5.21
CA THR A 87 12.80 -5.66 5.77
C THR A 87 11.93 -6.77 6.32
N GLY A 88 10.66 -6.49 6.61
CA GLY A 88 9.80 -7.47 7.24
C GLY A 88 10.03 -7.68 8.72
N GLU A 89 10.91 -6.90 9.34
CA GLU A 89 11.15 -7.04 10.77
C GLU A 89 9.89 -6.66 11.53
N ILE A 90 9.67 -7.35 12.66
CA ILE A 90 8.45 -7.20 13.45
C ILE A 90 8.83 -6.59 14.79
N CYS A 91 8.07 -5.59 15.22
CA CYS A 91 8.22 -5.01 16.55
C CYS A 91 7.16 -5.64 17.45
N LEU A 92 7.57 -6.69 18.17
CA LEU A 92 6.69 -7.38 19.12
C LEU A 92 7.54 -7.78 20.31
N ASP A 93 7.10 -7.38 21.52
CA ASP A 93 7.96 -7.50 22.68
C ASP A 93 8.24 -8.95 23.06
N ILE A 94 7.32 -9.87 22.77
CA ILE A 94 7.56 -11.27 23.11
C ILE A 94 8.69 -11.86 22.28
N LEU A 95 9.01 -11.24 21.14
CA LEU A 95 10.17 -11.63 20.35
C LEU A 95 11.47 -11.01 20.84
N LYS A 96 11.40 -10.16 21.88
CA LYS A 96 12.56 -9.44 22.35
C LYS A 96 12.70 -9.53 23.87
N ASN A 97 12.08 -8.57 24.58
CA ASN A 97 12.28 -8.47 26.01
C ASN A 97 11.36 -9.41 26.79
N ALA A 98 10.12 -9.56 26.33
CA ALA A 98 9.10 -10.30 27.06
C ALA A 98 9.03 -11.77 26.66
N TRP A 99 10.04 -12.28 25.97
CA TRP A 99 10.04 -13.70 25.64
C TRP A 99 10.07 -14.54 26.91
N SER A 100 9.52 -15.75 26.82
CA SER A 100 9.54 -16.71 27.91
C SER A 100 9.47 -18.10 27.32
N PRO A 101 10.10 -19.09 27.96
CA PRO A 101 9.94 -20.48 27.50
C PRO A 101 8.49 -20.95 27.47
N ALA A 102 7.56 -20.19 28.06
CA ALA A 102 6.14 -20.51 27.94
C ALA A 102 5.65 -20.38 26.50
N TRP A 103 6.32 -19.58 25.67
CA TRP A 103 5.91 -19.38 24.30
C TRP A 103 6.40 -20.52 23.41
N THR A 104 5.69 -20.73 22.31
CA THR A 104 6.02 -21.73 21.31
C THR A 104 5.98 -21.09 19.94
N LEU A 105 6.47 -21.81 18.92
CA LEU A 105 6.40 -21.29 17.56
C LEU A 105 4.95 -21.07 17.14
N GLN A 106 4.06 -21.99 17.52
CA GLN A 106 2.65 -21.83 17.17
C GLN A 106 2.06 -20.60 17.84
N SER A 107 2.27 -20.44 19.15
CA SER A 107 1.70 -19.30 19.86
C SER A 107 2.35 -17.99 19.41
N VAL A 108 3.59 -18.04 18.94
CA VAL A 108 4.19 -16.84 18.34
C VAL A 108 3.41 -16.43 17.09
N CYS A 109 3.11 -17.41 16.24
CA CYS A 109 2.29 -17.12 15.06
C CYS A 109 0.96 -16.51 15.45
N ARG A 110 0.37 -17.00 16.55
CA ARG A 110 -0.91 -16.48 16.99
C ARG A 110 -0.79 -15.05 17.50
N ALA A 111 0.31 -14.75 18.21
CA ALA A 111 0.54 -13.39 18.67
C ALA A 111 0.71 -12.43 17.49
N ILE A 112 1.35 -12.91 16.42
CA ILE A 112 1.51 -12.09 15.22
C ILE A 112 0.16 -11.85 14.57
N ILE A 113 -0.68 -12.88 14.49
CA ILE A 113 -2.02 -12.71 13.93
C ILE A 113 -2.81 -11.70 14.76
N ALA A 114 -2.73 -11.81 16.09
CA ALA A 114 -3.40 -10.84 16.94
C ALA A 114 -2.85 -9.45 16.71
N LEU A 115 -1.54 -9.34 16.49
CA LEU A 115 -0.94 -8.04 16.22
C LEU A 115 -1.47 -7.46 14.91
N MET A 116 -1.64 -8.32 13.89
CA MET A 116 -2.19 -7.84 12.63
C MET A 116 -3.60 -7.32 12.80
N ALA A 117 -4.39 -7.94 13.67
CA ALA A 117 -5.76 -7.53 13.90
C ALA A 117 -5.86 -6.33 14.82
N HIS A 118 -4.84 -6.09 15.65
CA HIS A 118 -4.87 -5.05 16.67
C HIS A 118 -3.53 -4.34 16.68
N PRO A 119 -3.28 -3.50 15.68
CA PRO A 119 -1.99 -2.81 15.60
C PRO A 119 -1.77 -1.91 16.81
N GLU A 120 -0.54 -1.41 16.90
CA GLU A 120 -0.12 -0.48 17.96
C GLU A 120 0.49 0.72 17.25
N PRO A 121 -0.31 1.78 16.99
CA PRO A 121 0.23 2.93 16.26
C PRO A 121 1.48 3.53 16.88
N ASP A 122 1.67 3.33 18.18
CA ASP A 122 2.94 3.65 18.81
C ASP A 122 3.95 2.57 18.37
N SER A 123 5.14 2.58 18.95
CA SER A 123 6.15 1.58 18.62
C SER A 123 6.22 1.33 17.12
N PRO A 124 6.22 2.37 16.28
CA PRO A 124 5.99 2.14 14.85
C PRO A 124 7.24 1.87 14.04
N LEU A 125 7.22 0.81 13.23
CA LEU A 125 8.25 0.57 12.23
C LEU A 125 7.84 1.06 10.85
N ASN A 126 6.55 1.33 10.63
CA ASN A 126 6.05 1.95 9.41
C ASN A 126 5.25 3.18 9.84
N CYS A 127 5.89 4.35 9.82
CA CYS A 127 5.26 5.55 10.35
C CYS A 127 4.07 5.99 9.51
N ASP A 128 4.09 5.73 8.20
CA ASP A 128 2.96 6.09 7.36
C ASP A 128 1.74 5.24 7.70
N SER A 129 1.95 3.93 7.92
CA SER A 129 0.86 3.07 8.38
C SER A 129 0.37 3.50 9.75
N GLY A 130 1.30 3.84 10.65
CA GLY A 130 0.89 4.27 11.98
C GLY A 130 0.22 5.63 11.97
N ASN A 131 0.67 6.54 11.12
CA ASN A 131 0.07 7.86 11.07
C ASN A 131 -1.39 7.78 10.66
N LEU A 132 -1.72 6.90 9.70
CA LEU A 132 -3.11 6.77 9.27
C LEU A 132 -4.00 6.37 10.44
N LEU A 133 -3.53 5.46 11.29
CA LEU A 133 -4.34 5.00 12.41
C LEU A 133 -4.41 6.05 13.52
N ARG A 134 -3.27 6.64 13.88
CA ARG A 134 -3.27 7.63 14.96
C ARG A 134 -4.11 8.85 14.60
N SER A 135 -4.06 9.25 13.34
CA SER A 135 -4.84 10.41 12.88
C SER A 135 -6.31 10.09 12.72
N GLY A 136 -6.74 8.85 12.99
CA GLY A 136 -8.13 8.47 12.87
C GLY A 136 -8.57 8.04 11.49
N ASP A 137 -7.65 7.94 10.53
CA ASP A 137 -8.00 7.59 9.16
C ASP A 137 -7.99 6.07 9.00
N VAL A 138 -9.00 5.44 9.63
CA VAL A 138 -9.09 3.98 9.60
C VAL A 138 -9.41 3.49 8.21
N ARG A 139 -10.29 4.20 7.49
CA ARG A 139 -10.58 3.81 6.11
C ARG A 139 -9.31 3.81 5.27
N GLY A 140 -8.47 4.84 5.42
CA GLY A 140 -7.22 4.88 4.68
C GLY A 140 -6.29 3.75 5.04
N PHE A 141 -6.15 3.46 6.33
CA PHE A 141 -5.32 2.33 6.74
C PHE A 141 -5.82 1.04 6.13
N ASN A 142 -7.11 0.76 6.27
CA ASN A 142 -7.67 -0.47 5.70
C ASN A 142 -7.51 -0.50 4.19
N SER A 143 -7.69 0.66 3.53
CA SER A 143 -7.60 0.70 2.08
C SER A 143 -6.20 0.32 1.61
N MET A 144 -5.16 0.92 2.20
CA MET A 144 -3.80 0.62 1.76
C MET A 144 -3.35 -0.75 2.24
N ALA A 145 -3.75 -1.15 3.46
CA ALA A 145 -3.39 -2.48 3.93
C ALA A 145 -4.04 -3.55 3.08
N GLN A 146 -5.27 -3.31 2.63
CA GLN A 146 -5.96 -4.27 1.77
C GLN A 146 -5.31 -4.34 0.39
N MET A 147 -4.93 -3.18 -0.17
CA MET A 147 -4.26 -3.19 -1.47
C MET A 147 -3.00 -4.05 -1.42
N TYR A 148 -2.15 -3.82 -0.42
CA TYR A 148 -0.92 -4.60 -0.33
C TYR A 148 -1.23 -6.08 -0.07
N THR A 149 -2.31 -6.37 0.65
CA THR A 149 -2.72 -7.76 0.82
C THR A 149 -3.09 -8.38 -0.53
N ARG A 150 -3.81 -7.63 -1.36
CA ARG A 150 -4.23 -8.15 -2.66
C ARG A 150 -3.06 -8.24 -3.63
N LEU A 151 -2.06 -7.36 -3.50
CA LEU A 151 -0.97 -7.32 -4.46
C LEU A 151 0.21 -8.20 -4.06
N ALA A 152 0.38 -8.46 -2.76
CA ALA A 152 1.59 -9.11 -2.27
C ALA A 152 1.33 -10.39 -1.48
N ALA A 153 0.09 -10.64 -1.04
CA ALA A 153 -0.18 -11.74 -0.12
C ALA A 153 -1.30 -12.65 -0.61
N MET A 154 -1.53 -12.69 -1.93
CA MET A 154 -2.53 -13.56 -2.53
C MET A 154 -1.93 -14.31 -3.70
N PRO A 155 -1.13 -15.36 -3.45
CA PRO A 155 -0.66 -16.24 -4.51
C PRO A 155 -1.45 -17.55 -4.56
N GLN B 10 10.72 18.60 -45.29
CA GLN B 10 10.54 17.66 -46.38
C GLN B 10 10.16 16.29 -45.82
N PHE B 11 10.55 15.22 -46.52
CA PHE B 11 10.48 13.90 -45.92
C PHE B 11 11.50 13.72 -44.81
N PHE B 12 12.53 14.59 -44.76
CA PHE B 12 13.67 14.41 -43.88
C PHE B 12 13.79 15.48 -42.79
N GLN B 13 13.12 16.62 -42.93
CA GLN B 13 13.36 17.74 -42.01
C GLN B 13 12.10 18.36 -41.40
N PRO B 14 11.02 17.58 -41.12
CA PRO B 14 9.99 18.07 -40.21
C PRO B 14 9.86 17.16 -39.01
N VAL B 15 8.72 17.18 -38.30
CA VAL B 15 8.46 16.22 -37.23
C VAL B 15 7.09 16.47 -36.60
N LYS B 16 6.55 15.45 -35.91
CA LYS B 16 5.28 15.55 -35.19
C LYS B 16 5.16 14.41 -34.17
N PRO B 17 5.06 14.71 -32.87
CA PRO B 17 4.97 13.64 -31.87
C PRO B 17 3.55 13.23 -31.53
N THR B 18 3.40 11.95 -31.19
CA THR B 18 2.12 11.44 -30.74
C THR B 18 1.84 11.91 -29.30
N LEU B 19 0.61 11.70 -28.85
CA LEU B 19 0.26 12.08 -27.50
C LEU B 19 1.06 11.29 -26.47
N GLY B 20 1.30 10.01 -26.74
CA GLY B 20 2.08 9.21 -25.82
C GLY B 20 3.49 9.74 -25.63
N GLN B 21 4.12 10.18 -26.72
CA GLN B 21 5.47 10.73 -26.62
C GLN B 21 5.48 12.04 -25.83
N ILE B 22 4.45 12.86 -26.01
CA ILE B 22 4.35 14.10 -25.26
C ILE B 22 4.16 13.81 -23.78
N VAL B 23 3.23 12.92 -23.44
CA VAL B 23 2.99 12.57 -22.05
C VAL B 23 4.24 11.98 -21.43
N ARG B 24 4.84 10.99 -22.10
CA ARG B 24 6.04 10.36 -21.55
C ARG B 24 7.18 11.36 -21.41
N GLN B 25 7.28 12.33 -22.32
CA GLN B 25 8.33 13.34 -22.23
C GLN B 25 8.16 14.18 -20.98
N LYS B 26 6.94 14.71 -20.77
CA LYS B 26 6.69 15.53 -19.59
C LYS B 26 6.83 14.73 -18.30
N LEU B 27 6.50 13.44 -18.32
CA LEU B 27 6.71 12.59 -17.15
C LEU B 27 8.18 12.48 -16.79
N SER B 28 9.07 12.63 -17.78
CA SER B 28 10.51 12.64 -17.57
C SER B 28 10.97 11.39 -16.83
N GLU B 29 10.68 10.23 -17.42
CA GLU B 29 11.04 8.93 -16.90
C GLU B 29 10.39 8.63 -15.55
N GLY B 30 9.39 9.40 -15.15
CA GLY B 30 8.67 9.13 -13.92
C GLY B 30 7.62 8.05 -14.12
N ARG B 31 7.98 6.80 -13.89
CA ARG B 31 7.13 5.66 -14.19
C ARG B 31 6.37 5.15 -12.96
N LYS B 32 6.26 5.97 -11.91
CA LYS B 32 5.39 5.69 -10.79
C LYS B 32 4.70 6.98 -10.41
N VAL B 33 3.37 6.96 -10.33
CA VAL B 33 2.57 8.18 -10.21
C VAL B 33 1.43 7.93 -9.24
N THR B 34 1.18 8.91 -8.37
CA THR B 34 0.00 8.97 -7.52
C THR B 34 -0.79 10.21 -7.89
N CYS B 35 -2.11 10.14 -7.73
CA CYS B 35 -2.99 11.19 -8.24
C CYS B 35 -4.33 11.12 -7.54
N ARG B 36 -4.82 12.26 -7.08
CA ARG B 36 -6.16 12.30 -6.48
C ARG B 36 -7.22 12.21 -7.59
N LEU B 37 -8.48 12.05 -7.17
CA LEU B 37 -9.58 11.85 -8.10
C LEU B 37 -10.44 13.10 -8.29
N LEU B 38 -10.92 13.69 -7.21
CA LEU B 38 -11.81 14.84 -7.32
C LEU B 38 -11.17 15.96 -8.12
N GLY B 39 -11.93 16.51 -9.05
CA GLY B 39 -11.48 17.67 -9.84
C GLY B 39 -10.52 17.39 -10.96
N VAL B 40 -9.50 16.58 -10.72
CA VAL B 40 -8.46 16.35 -11.73
C VAL B 40 -8.83 15.20 -12.66
N ILE B 41 -9.54 14.19 -12.16
CA ILE B 41 -10.00 13.06 -12.97
C ILE B 41 -11.52 13.01 -13.03
N LEU B 42 -12.19 13.29 -11.92
CA LEU B 42 -13.64 13.28 -11.86
C LEU B 42 -14.17 14.71 -11.98
N GLU B 43 -15.39 14.83 -12.53
CA GLU B 43 -16.02 16.14 -12.61
C GLU B 43 -16.46 16.63 -11.24
N GLU B 44 -16.74 15.72 -10.31
CA GLU B 44 -17.15 16.11 -8.98
C GLU B 44 -16.01 16.82 -8.25
N THR B 45 -16.38 17.67 -7.30
CA THR B 45 -15.41 18.54 -6.63
C THR B 45 -15.47 18.47 -5.12
N SER B 46 -16.14 17.48 -4.54
CA SER B 46 -16.15 17.29 -3.09
C SER B 46 -16.58 15.87 -2.79
N PRO B 47 -16.14 15.30 -1.66
CA PRO B 47 -16.61 13.96 -1.30
C PRO B 47 -18.12 13.88 -1.15
N GLU B 48 -18.77 14.97 -0.75
CA GLU B 48 -20.22 14.97 -0.61
C GLU B 48 -20.90 14.66 -1.94
N GLU B 49 -20.34 15.18 -3.03
CA GLU B 49 -20.89 14.88 -4.36
C GLU B 49 -20.76 13.40 -4.69
N LEU B 50 -19.67 12.77 -4.25
CA LEU B 50 -19.45 11.36 -4.56
C LEU B 50 -20.52 10.47 -3.93
N GLN B 51 -21.27 10.97 -2.94
CA GLN B 51 -22.38 10.21 -2.39
C GLN B 51 -23.56 10.16 -3.35
N LYS B 52 -23.59 11.05 -4.35
CA LYS B 52 -24.66 11.09 -5.33
C LYS B 52 -24.24 10.53 -6.68
N GLN B 53 -23.02 10.83 -7.13
CA GLN B 53 -22.59 10.43 -8.45
C GLN B 53 -21.08 10.59 -8.56
N ALA B 54 -20.50 9.89 -9.54
CA ALA B 54 -19.10 10.02 -9.90
C ALA B 54 -19.00 9.98 -11.41
N THR B 55 -18.18 10.86 -11.99
CA THR B 55 -18.11 11.02 -13.43
C THR B 55 -16.68 11.35 -13.84
N VAL B 56 -16.10 10.52 -14.70
CA VAL B 56 -14.77 10.78 -15.22
C VAL B 56 -14.83 11.93 -16.21
N ARG B 57 -13.88 12.86 -16.09
CA ARG B 57 -13.78 13.97 -17.04
C ARG B 57 -13.37 13.44 -18.40
N SER B 58 -14.21 13.65 -19.41
CA SER B 58 -13.90 13.14 -20.74
C SER B 58 -12.61 13.76 -21.30
N SER B 59 -12.29 14.98 -20.88
CA SER B 59 -11.11 15.66 -21.40
C SER B 59 -9.81 15.11 -20.83
N VAL B 60 -9.87 14.35 -19.71
CA VAL B 60 -8.67 13.80 -19.09
C VAL B 60 -8.37 12.38 -19.55
N LEU B 61 -9.22 11.80 -20.40
CA LEU B 61 -9.18 10.36 -20.63
C LEU B 61 -7.99 9.93 -21.48
N GLU B 62 -7.77 10.60 -22.62
CA GLU B 62 -6.65 10.23 -23.48
C GLU B 62 -5.32 10.30 -22.74
N VAL B 63 -5.04 11.43 -22.11
CA VAL B 63 -3.78 11.59 -21.39
C VAL B 63 -3.70 10.59 -20.24
N LEU B 64 -4.80 10.39 -19.53
CA LEU B 64 -4.80 9.45 -18.40
C LEU B 64 -4.41 8.05 -18.85
N LEU B 65 -4.94 7.59 -19.99
CA LEU B 65 -4.62 6.25 -20.47
C LEU B 65 -3.16 6.15 -20.90
N GLU B 66 -2.62 7.19 -21.52
CA GLU B 66 -1.20 7.16 -21.88
C GLU B 66 -0.32 7.08 -20.64
N ILE B 67 -0.75 7.70 -19.54
CA ILE B 67 0.02 7.62 -18.30
C ILE B 67 0.01 6.20 -17.75
N THR B 68 -1.13 5.51 -17.85
CA THR B 68 -1.22 4.17 -17.27
C THR B 68 -0.41 3.16 -18.08
N LYS B 69 -0.26 3.36 -19.39
CA LYS B 69 0.52 2.42 -20.19
C LYS B 69 2.01 2.51 -19.84
N TYR B 70 2.48 3.68 -19.45
CA TYR B 70 3.90 3.93 -19.20
C TYR B 70 4.25 3.89 -17.72
N SER B 71 3.34 4.29 -16.84
CA SER B 71 3.65 4.49 -15.43
C SER B 71 2.72 3.65 -14.55
N ASP B 72 3.30 3.08 -13.50
CA ASP B 72 2.52 2.51 -12.41
C ASP B 72 1.73 3.62 -11.71
N LEU B 73 0.41 3.53 -11.76
CA LEU B 73 -0.46 4.61 -11.29
C LEU B 73 -1.29 4.16 -10.11
N TYR B 74 -1.45 5.07 -9.14
CA TYR B 74 -2.28 4.84 -7.97
C TYR B 74 -3.21 6.04 -7.81
N LEU B 75 -4.51 5.80 -7.93
CA LEU B 75 -5.52 6.83 -7.69
C LEU B 75 -5.99 6.75 -6.24
N MET B 76 -6.32 7.91 -5.68
CA MET B 76 -6.66 7.99 -4.27
C MET B 76 -7.62 9.15 -4.04
N GLU B 77 -8.51 9.00 -3.07
CA GLU B 77 -9.42 10.10 -2.78
C GLU B 77 -10.04 9.94 -1.39
N ARG B 78 -10.35 11.07 -0.79
CA ARG B 78 -11.09 11.12 0.46
C ARG B 78 -12.57 10.93 0.18
N VAL B 79 -13.18 9.96 0.87
CA VAL B 79 -14.60 9.66 0.73
C VAL B 79 -15.24 9.62 2.10
N LEU B 80 -16.57 9.67 2.11
CA LEU B 80 -17.34 9.75 3.35
C LEU B 80 -18.05 8.44 3.71
N ASP B 81 -18.12 7.47 2.81
CA ASP B 81 -18.82 6.23 3.09
C ASP B 81 -18.42 5.18 2.05
N ASP B 82 -18.92 3.96 2.24
CA ASP B 82 -18.55 2.86 1.36
C ASP B 82 -19.22 2.98 0.00
N GLU B 83 -20.47 3.45 -0.03
CA GLU B 83 -21.18 3.56 -1.31
C GLU B 83 -20.48 4.52 -2.26
N SER B 84 -19.81 5.54 -1.71
CA SER B 84 -19.04 6.45 -2.56
C SER B 84 -17.90 5.72 -3.26
N GLU B 85 -17.24 4.81 -2.55
CA GLU B 85 -16.18 4.02 -3.17
C GLU B 85 -16.71 3.27 -4.38
N ALA B 86 -17.85 2.59 -4.22
CA ALA B 86 -18.42 1.83 -5.34
C ALA B 86 -18.75 2.75 -6.50
N LYS B 87 -19.37 3.91 -6.22
CA LYS B 87 -19.69 4.84 -7.29
C LYS B 87 -18.45 5.28 -8.04
N VAL B 88 -17.35 5.49 -7.32
CA VAL B 88 -16.10 5.90 -7.96
C VAL B 88 -15.58 4.78 -8.87
N LEU B 89 -15.53 3.56 -8.34
CA LEU B 89 -15.00 2.45 -9.13
C LEU B 89 -15.84 2.20 -10.38
N GLN B 90 -17.16 2.34 -10.26
CA GLN B 90 -18.01 2.15 -11.44
C GLN B 90 -17.81 3.28 -12.44
N ALA B 91 -17.51 4.49 -11.97
CA ALA B 91 -17.23 5.59 -12.88
C ALA B 91 -15.95 5.34 -13.65
N LEU B 92 -14.89 4.94 -12.95
CA LEU B 92 -13.62 4.66 -13.63
C LEU B 92 -13.80 3.56 -14.67
N GLU B 93 -14.63 2.55 -14.36
CA GLU B 93 -14.87 1.48 -15.30
C GLU B 93 -15.75 1.96 -16.45
N ASN B 94 -16.72 2.82 -16.17
CA ASN B 94 -17.56 3.35 -17.24
C ASN B 94 -16.74 4.05 -18.31
N ALA B 95 -15.65 4.72 -17.91
CA ALA B 95 -14.79 5.43 -18.85
C ALA B 95 -13.67 4.56 -19.40
N GLY B 96 -13.62 3.29 -19.04
CA GLY B 96 -12.58 2.41 -19.53
C GLY B 96 -11.20 2.72 -18.98
N VAL B 97 -11.12 3.22 -17.75
CA VAL B 97 -9.83 3.64 -17.21
C VAL B 97 -8.98 2.43 -16.85
N PHE B 98 -9.60 1.29 -16.57
CA PHE B 98 -8.88 0.06 -16.26
C PHE B 98 -8.63 -0.70 -17.56
N THR B 99 -7.37 -1.02 -17.84
CA THR B 99 -7.00 -1.72 -19.06
C THR B 99 -5.92 -2.75 -18.74
N SER B 100 -5.86 -3.79 -19.54
CA SER B 100 -4.77 -4.76 -19.44
C SER B 100 -3.47 -4.07 -19.83
N GLY B 101 -2.50 -4.08 -18.92
CA GLY B 101 -1.27 -3.33 -19.12
C GLY B 101 -1.29 -1.94 -18.52
N GLY B 102 -2.42 -1.52 -17.94
CA GLY B 102 -2.52 -0.21 -17.33
C GLY B 102 -3.01 -0.29 -15.90
N LEU B 103 -4.01 0.53 -15.57
CA LEU B 103 -4.48 0.64 -14.20
C LEU B 103 -5.40 -0.52 -13.84
N VAL B 104 -5.27 -1.01 -12.61
CA VAL B 104 -6.12 -2.05 -12.07
C VAL B 104 -6.94 -1.48 -10.92
N LYS B 105 -8.08 -2.11 -10.66
CA LYS B 105 -9.00 -1.61 -9.63
C LYS B 105 -8.37 -1.67 -8.25
N ASP B 106 -7.45 -2.60 -8.03
CA ASP B 106 -6.81 -2.73 -6.72
C ASP B 106 -5.95 -1.52 -6.37
N LYS B 107 -5.52 -0.75 -7.37
CA LYS B 107 -4.66 0.40 -7.14
C LYS B 107 -5.45 1.71 -7.11
N VAL B 108 -6.69 1.65 -6.62
CA VAL B 108 -7.49 2.83 -6.34
C VAL B 108 -7.74 2.83 -4.83
N LEU B 109 -7.22 3.86 -4.15
CA LEU B 109 -7.21 3.93 -2.70
C LEU B 109 -8.22 4.94 -2.20
N PHE B 110 -8.65 4.75 -0.96
CA PHE B 110 -9.66 5.60 -0.35
C PHE B 110 -9.29 5.89 1.10
N CYS B 111 -9.58 7.09 1.56
CA CYS B 111 -9.28 7.51 2.92
C CYS B 111 -10.39 8.43 3.41
N SER B 112 -10.29 8.83 4.67
CA SER B 112 -11.27 9.71 5.29
C SER B 112 -10.71 11.09 5.64
N THR B 113 -9.42 11.32 5.42
CA THR B 113 -8.80 12.59 5.75
C THR B 113 -7.94 13.06 4.59
N GLU B 114 -7.84 14.39 4.45
CA GLU B 114 -6.97 14.96 3.43
C GLU B 114 -5.52 14.52 3.64
N ILE B 115 -5.02 14.67 4.88
CA ILE B 115 -3.63 14.33 5.16
C ILE B 115 -3.38 12.84 5.03
N GLY B 116 -4.44 12.02 5.03
CA GLY B 116 -4.25 10.60 4.76
C GLY B 116 -3.61 10.34 3.41
N ARG B 117 -3.89 11.20 2.43
CA ARG B 117 -3.27 11.04 1.12
C ARG B 117 -1.75 11.17 1.22
N THR B 118 -1.26 12.05 2.09
CA THR B 118 0.19 12.18 2.24
C THR B 118 0.80 10.89 2.75
N SER B 119 0.06 10.13 3.57
CA SER B 119 0.55 8.84 4.03
C SER B 119 0.61 7.83 2.88
N PHE B 120 -0.42 7.79 2.04
CA PHE B 120 -0.37 6.95 0.85
C PHE B 120 0.87 7.26 0.02
N VAL B 121 1.08 8.54 -0.29
CA VAL B 121 2.13 8.92 -1.22
C VAL B 121 3.51 8.62 -0.65
N ARG B 122 3.74 8.96 0.62
CA ARG B 122 5.05 8.74 1.22
C ARG B 122 5.37 7.24 1.30
N GLN B 123 4.35 6.40 1.46
CA GLN B 123 4.57 4.96 1.42
C GLN B 123 4.90 4.50 0.01
N LEU B 124 4.19 5.03 -1.00
CA LEU B 124 4.35 4.57 -2.37
C LEU B 124 5.58 5.16 -3.05
N GLU B 125 6.06 6.32 -2.58
CA GLU B 125 7.27 6.94 -3.11
C GLU B 125 7.22 7.07 -4.63
N PRO B 126 6.19 7.69 -5.19
CA PRO B 126 6.13 7.87 -6.64
C PRO B 126 7.12 8.94 -7.09
N ASP B 127 7.33 8.98 -8.40
CA ASP B 127 8.06 10.08 -9.01
C ASP B 127 7.19 11.32 -9.12
N TRP B 128 5.89 11.13 -9.29
CA TRP B 128 4.93 12.22 -9.42
C TRP B 128 3.78 12.02 -8.44
N HIS B 129 3.36 13.11 -7.82
CA HIS B 129 2.06 13.17 -7.16
C HIS B 129 1.26 14.33 -7.74
N ILE B 130 -0.02 14.10 -7.98
CA ILE B 130 -0.92 15.10 -8.55
C ILE B 130 -2.02 15.36 -7.53
N ASP B 131 -2.16 16.61 -7.11
CA ASP B 131 -3.15 16.96 -6.11
C ASP B 131 -3.62 18.39 -6.38
N THR B 132 -4.59 18.84 -5.56
CA THR B 132 -5.09 20.20 -5.60
C THR B 132 -4.97 20.91 -4.27
N ASN B 133 -4.74 20.17 -3.19
CA ASN B 133 -4.61 20.77 -1.86
C ASN B 133 -3.20 21.34 -1.69
N PRO B 134 -3.05 22.65 -1.48
CA PRO B 134 -1.68 23.19 -1.41
C PRO B 134 -0.90 22.71 -0.19
N GLU B 135 -1.56 22.48 0.94
CA GLU B 135 -0.85 21.99 2.12
C GLU B 135 -0.29 20.60 1.87
N ILE B 136 -0.95 19.80 1.03
CA ILE B 136 -0.45 18.47 0.71
C ILE B 136 0.74 18.57 -0.23
N SER B 137 0.61 19.40 -1.28
CA SER B 137 1.73 19.57 -2.20
C SER B 137 2.95 20.15 -1.48
N THR B 138 2.74 21.16 -0.64
CA THR B 138 3.86 21.73 0.11
C THR B 138 4.49 20.68 1.03
N GLN B 139 3.67 19.89 1.71
CA GLN B 139 4.20 18.91 2.65
C GLN B 139 4.97 17.81 1.94
N LEU B 140 4.55 17.43 0.73
CA LEU B 140 5.16 16.33 0.01
C LEU B 140 6.35 16.74 -0.85
N ALA B 141 6.55 18.04 -1.11
CA ALA B 141 7.68 18.47 -1.92
C ALA B 141 9.00 18.07 -1.28
N ARG B 142 9.03 17.95 0.05
CA ARG B 142 10.23 17.51 0.75
C ARG B 142 10.58 16.05 0.43
N PHE B 143 9.61 15.25 0.00
CA PHE B 143 9.79 13.83 -0.18
C PHE B 143 9.66 13.34 -1.61
N ILE B 144 8.85 14.02 -2.44
CA ILE B 144 8.51 13.53 -3.77
C ILE B 144 9.28 14.34 -4.80
N LYS B 145 9.90 13.65 -5.75
CA LYS B 145 10.75 14.32 -6.74
C LYS B 145 9.99 15.40 -7.50
N TYR B 146 8.85 15.03 -8.09
CA TYR B 146 8.05 15.94 -8.89
C TYR B 146 6.60 15.91 -8.41
N GLN B 147 5.92 17.04 -8.54
CA GLN B 147 4.51 17.13 -8.25
C GLN B 147 3.84 18.06 -9.25
N LEU B 148 2.59 17.75 -9.58
CA LEU B 148 1.70 18.66 -10.29
C LEU B 148 0.63 19.12 -9.33
N HIS B 149 0.60 20.42 -9.05
CA HIS B 149 -0.46 21.04 -8.25
C HIS B 149 -1.47 21.64 -9.22
N VAL B 150 -2.66 21.04 -9.27
CA VAL B 150 -3.70 21.49 -10.18
C VAL B 150 -4.54 22.55 -9.47
N ALA B 151 -4.59 23.75 -10.04
CA ALA B 151 -5.32 24.84 -9.42
C ALA B 151 -5.75 25.83 -10.50
N THR B 152 -6.74 26.64 -10.15
CA THR B 152 -7.21 27.69 -11.05
C THR B 152 -6.13 28.76 -11.22
N VAL B 153 -5.50 29.16 -10.13
CA VAL B 153 -4.42 30.14 -10.12
C VAL B 153 -3.23 29.51 -9.42
N LYS B 154 -2.03 29.89 -9.86
CA LYS B 154 -0.84 29.37 -9.21
C LYS B 154 -0.80 29.86 -7.76
N PRO B 155 -0.44 29.00 -6.81
CA PRO B 155 -0.17 29.49 -5.46
C PRO B 155 0.88 30.59 -5.49
N GLU B 156 0.74 31.56 -4.60
CA GLU B 156 1.76 32.60 -4.48
C GLU B 156 3.13 31.98 -4.27
N ARG B 157 3.18 30.82 -3.61
CA ARG B 157 4.43 30.13 -3.35
C ARG B 157 4.25 28.64 -3.62
N THR B 158 5.02 28.12 -4.56
CA THR B 158 5.15 26.69 -4.77
C THR B 158 6.63 26.31 -4.65
N ALA B 159 6.88 25.08 -4.22
CA ALA B 159 8.25 24.60 -4.19
C ALA B 159 8.80 24.54 -5.60
N PRO B 160 10.13 24.62 -5.76
CA PRO B 160 10.71 24.52 -7.10
C PRO B 160 10.44 23.19 -7.80
N ASN B 161 10.12 22.14 -7.05
CA ASN B 161 9.78 20.84 -7.63
C ASN B 161 8.28 20.59 -7.61
N VAL B 162 7.47 21.64 -7.44
CA VAL B 162 6.02 21.55 -7.50
C VAL B 162 5.58 22.40 -8.69
N PHE B 163 5.16 21.76 -9.77
CA PHE B 163 4.70 22.45 -10.97
C PHE B 163 3.20 22.61 -10.92
N THR B 164 2.71 23.68 -11.56
CA THR B 164 1.30 24.06 -11.49
C THR B 164 0.72 24.13 -12.90
N SER B 165 -0.55 23.73 -13.00
CA SER B 165 -1.29 23.80 -14.25
C SER B 165 -2.77 23.72 -13.91
N GLN B 166 -3.61 23.99 -14.92
N GLN B 166 -3.62 23.98 -14.91
CA GLN B 166 -5.05 23.99 -14.74
CA GLN B 166 -5.06 23.97 -14.67
C GLN B 166 -5.66 22.60 -14.83
C GLN B 166 -5.70 22.61 -14.90
N SER B 167 -4.97 21.64 -15.44
CA SER B 167 -5.51 20.30 -15.60
C SER B 167 -4.37 19.33 -15.90
N ILE B 168 -4.65 18.04 -15.66
CA ILE B 168 -3.70 17.00 -16.01
C ILE B 168 -3.47 16.97 -17.52
N GLU B 169 -4.55 17.04 -18.30
CA GLU B 169 -4.40 16.91 -19.74
C GLU B 169 -3.63 18.08 -20.35
N GLN B 170 -3.70 19.26 -19.71
N GLN B 170 -3.70 19.25 -19.72
CA GLN B 170 -2.96 20.41 -20.23
CA GLN B 170 -2.95 20.40 -20.24
C GLN B 170 -1.47 20.29 -19.93
C GLN B 170 -1.47 20.29 -19.93
N PHE B 171 -1.12 19.82 -18.74
CA PHE B 171 0.29 19.75 -18.36
C PHE B 171 1.02 18.62 -19.08
N PHE B 172 0.48 17.41 -19.01
CA PHE B 172 1.12 16.26 -19.64
C PHE B 172 0.73 16.09 -21.10
N GLY B 173 -0.37 16.67 -21.53
CA GLY B 173 -0.87 16.50 -22.88
C GLY B 173 -0.39 17.51 -23.88
N SER B 174 0.47 18.46 -23.47
CA SER B 174 1.07 19.41 -24.39
C SER B 174 2.53 19.56 -24.00
N VAL B 175 3.20 20.50 -24.66
CA VAL B 175 4.64 20.66 -24.51
C VAL B 175 4.97 21.98 -23.83
#